data_5V2Z
#
_entry.id   5V2Z
#
_cell.length_a   48.450
_cell.length_b   81.860
_cell.length_c   87.570
_cell.angle_alpha   90.00
_cell.angle_beta   90.00
_cell.angle_gamma   90.00
#
_symmetry.space_group_name_H-M   'P 21 21 21'
#
loop_
_entity.id
_entity.type
_entity.pdbx_description
1 polymer '2-oxoglutarate-dependent ethylene/succinate-forming enzyme'
2 non-polymer 'MANGANESE (II) ION'
3 non-polymer '2-OXOADIPIC ACID'
4 non-polymer ARGININE
5 water water
#
_entity_poly.entity_id   1
_entity_poly.type   'polypeptide(L)'
_entity_poly.pdbx_seq_one_letter_code
;SHMTNLQTFELPTEVTGCAADISLGRALIQAWQKDGIFQIKTDSEQDRKTQEAMAASKQFCKEPLTFKSSCVSDLTYSGY
VASGEEVTAGKPDFPEIFTVCKDLSVGDQRVKAGWPCHGPVPWPNNTYQKSMKTFMEELGLAGERLLKLTALGFELPINT
FTDLTRDGWHHMRVLRFPPQTSTLSRGIGAHTDYGLLVIAAQDDVGGLYIRPPVEGEKRNRNWLPGESSAGMFEHDEPWT
FVTPTPGVWTVFPGDILQFMTGGQLLSTPHKVKLNTRERFACAYFHEPNFEASAYPLFEPSANERIHYGEHFTNMFMRCY
PDRITTQRINKENRLAHLEDLKKYSDTRATGS
;
_entity_poly.pdbx_strand_id   A
#
# COMPACT_ATOMS: atom_id res chain seq x y z
N THR A 4 -23.75 -3.36 -3.71
CA THR A 4 -22.72 -2.45 -4.19
C THR A 4 -22.61 -1.22 -3.30
N ASN A 5 -23.53 -1.11 -2.34
CA ASN A 5 -23.46 -0.04 -1.32
C ASN A 5 -22.54 -0.50 -0.19
N LEU A 6 -21.40 0.15 -0.04
CA LEU A 6 -20.42 -0.32 0.95
C LEU A 6 -20.85 0.04 2.37
N GLN A 7 -20.38 -0.75 3.32
N GLN A 7 -20.43 -0.79 3.32
CA GLN A 7 -20.58 -0.42 4.72
CA GLN A 7 -20.56 -0.44 4.73
C GLN A 7 -19.58 0.62 5.17
C GLN A 7 -19.63 0.73 5.05
N THR A 8 -20.04 1.56 5.97
CA THR A 8 -19.23 2.64 6.50
C THR A 8 -19.23 2.56 8.01
N PHE A 9 -18.06 2.60 8.59
CA PHE A 9 -17.89 2.52 10.03
C PHE A 9 -17.13 3.72 10.56
N GLU A 10 -17.48 4.17 11.74
CA GLU A 10 -16.66 5.11 12.49
C GLU A 10 -15.79 4.32 13.47
N LEU A 11 -14.53 4.56 13.46
CA LEU A 11 -13.64 3.86 14.38
C LEU A 11 -13.52 4.66 15.67
N PRO A 12 -13.38 4.00 16.82
CA PRO A 12 -13.07 4.71 18.06
C PRO A 12 -11.65 5.25 17.99
N THR A 13 -11.42 6.34 18.71
CA THR A 13 -10.08 6.91 18.70
C THR A 13 -9.05 5.94 19.27
N GLU A 14 -9.35 5.29 20.37
CA GLU A 14 -8.49 4.28 20.97
C GLU A 14 -9.24 2.97 21.01
N VAL A 15 -8.53 1.88 20.77
CA VAL A 15 -9.07 0.52 20.80
C VAL A 15 -8.50 -0.16 22.02
N THR A 16 -9.37 -0.53 22.96
CA THR A 16 -8.95 -1.08 24.24
C THR A 16 -9.28 -2.54 24.42
N GLY A 17 -10.11 -3.13 23.56
CA GLY A 17 -10.53 -4.50 23.76
C GLY A 17 -11.84 -4.69 24.47
N CYS A 18 -12.59 -3.62 24.71
CA CYS A 18 -13.93 -3.73 25.26
C CYS A 18 -14.88 -4.43 24.29
N ALA A 19 -16.08 -4.76 24.78
CA ALA A 19 -17.02 -5.51 23.98
C ALA A 19 -17.36 -4.78 22.70
N ALA A 20 -17.48 -3.45 22.74
CA ALA A 20 -17.82 -2.72 21.53
C ALA A 20 -16.71 -2.85 20.49
N ASP A 21 -15.46 -2.85 20.95
CA ASP A 21 -14.32 -3.00 20.03
C ASP A 21 -14.33 -4.38 19.40
N ILE A 22 -14.57 -5.42 20.20
CA ILE A 22 -14.64 -6.77 19.66
C ILE A 22 -15.75 -6.84 18.61
N SER A 23 -16.92 -6.31 18.95
CA SER A 23 -18.04 -6.31 18.02
C SER A 23 -17.67 -5.62 16.71
N LEU A 24 -17.02 -4.45 16.80
CA LEU A 24 -16.62 -3.75 15.59
C LEU A 24 -15.65 -4.59 14.78
N GLY A 25 -14.67 -5.21 15.42
CA GLY A 25 -13.76 -6.08 14.70
C GLY A 25 -14.50 -7.19 13.96
N ARG A 26 -15.49 -7.81 14.60
CA ARG A 26 -16.29 -8.82 13.92
C ARG A 26 -16.93 -8.24 12.68
N ALA A 27 -17.48 -7.05 12.79
CA ALA A 27 -18.16 -6.43 11.66
C ALA A 27 -17.20 -6.08 10.53
N LEU A 28 -15.99 -5.65 10.85
CA LEU A 28 -15.00 -5.34 9.82
C LEU A 28 -14.63 -6.59 9.06
N ILE A 29 -14.40 -7.68 9.77
CA ILE A 29 -14.08 -8.94 9.13
C ILE A 29 -15.23 -9.37 8.24
N GLN A 30 -16.46 -9.28 8.75
N GLN A 30 -16.45 -9.30 8.76
CA GLN A 30 -17.60 -9.72 7.96
CA GLN A 30 -17.62 -9.69 7.98
C GLN A 30 -17.76 -8.87 6.69
C GLN A 30 -17.72 -8.88 6.70
N ALA A 31 -17.48 -7.58 6.78
CA ALA A 31 -17.59 -6.73 5.59
C ALA A 31 -16.52 -7.06 4.58
N TRP A 32 -15.30 -7.31 5.03
CA TRP A 32 -14.27 -7.76 4.11
C TRP A 32 -14.63 -9.11 3.48
N GLN A 33 -15.23 -10.02 4.26
CA GLN A 33 -15.56 -11.35 3.74
C GLN A 33 -16.71 -11.30 2.74
N LYS A 34 -17.59 -10.33 2.85
CA LYS A 34 -18.72 -10.19 1.94
C LYS A 34 -18.35 -9.33 0.74
N ASP A 35 -17.80 -8.14 0.98
CA ASP A 35 -17.63 -7.12 -0.04
C ASP A 35 -16.19 -6.93 -0.47
N GLY A 36 -15.22 -7.38 0.31
CA GLY A 36 -13.84 -7.16 0.01
C GLY A 36 -13.29 -5.80 0.40
N ILE A 37 -14.11 -4.95 1.00
CA ILE A 37 -13.78 -3.55 1.25
C ILE A 37 -14.82 -2.98 2.16
N PHE A 38 -14.47 -1.96 2.92
CA PHE A 38 -15.44 -1.12 3.58
C PHE A 38 -14.90 0.30 3.65
N GLN A 39 -15.75 1.22 4.07
CA GLN A 39 -15.39 2.61 4.25
C GLN A 39 -15.27 2.92 5.73
N ILE A 40 -14.38 3.84 6.07
CA ILE A 40 -14.32 4.42 7.41
C ILE A 40 -14.56 5.92 7.28
N LYS A 41 -15.38 6.42 8.20
CA LYS A 41 -15.73 7.83 8.21
C LYS A 41 -14.54 8.65 8.68
N THR A 42 -14.29 9.77 8.02
CA THR A 42 -13.22 10.67 8.42
C THR A 42 -13.79 11.82 9.24
N ASP A 43 -13.02 12.24 10.23
CA ASP A 43 -13.32 13.44 10.99
C ASP A 43 -12.73 14.66 10.28
N SER A 44 -12.93 15.83 10.86
CA SER A 44 -12.54 17.05 10.16
C SER A 44 -11.04 17.14 9.93
N GLU A 45 -10.23 16.65 10.88
CA GLU A 45 -8.79 16.70 10.68
C GLU A 45 -8.31 15.67 9.67
N GLN A 46 -8.86 14.46 9.74
CA GLN A 46 -8.56 13.45 8.73
C GLN A 46 -8.91 13.97 7.33
N ASP A 47 -10.07 14.60 7.20
CA ASP A 47 -10.48 15.12 5.90
C ASP A 47 -9.58 16.27 5.48
N ARG A 48 -9.29 17.20 6.37
CA ARG A 48 -8.45 18.34 6.02
C ARG A 48 -7.10 17.87 5.50
N LYS A 49 -6.49 16.91 6.19
CA LYS A 49 -5.18 16.43 5.80
C LYS A 49 -5.24 15.68 4.47
N THR A 50 -6.32 14.95 4.23
CA THR A 50 -6.53 14.30 2.93
C THR A 50 -6.59 15.35 1.83
N GLN A 51 -7.40 16.40 2.02
CA GLN A 51 -7.55 17.39 0.98
C GLN A 51 -6.26 18.16 0.73
N GLU A 52 -5.50 18.45 1.78
CA GLU A 52 -4.22 19.15 1.58
C GLU A 52 -3.25 18.28 0.82
N ALA A 53 -3.23 16.98 1.06
CA ALA A 53 -2.39 16.08 0.28
C ALA A 53 -2.80 16.05 -1.18
N MET A 54 -4.11 16.00 -1.44
N MET A 54 -4.11 15.96 -1.44
CA MET A 54 -4.57 15.98 -2.82
CA MET A 54 -4.58 15.98 -2.81
C MET A 54 -4.23 17.28 -3.53
C MET A 54 -4.17 17.27 -3.52
N ALA A 55 -4.29 18.41 -2.82
CA ALA A 55 -3.95 19.68 -3.42
C ALA A 55 -2.45 19.75 -3.73
N ALA A 56 -1.61 19.25 -2.82
CA ALA A 56 -0.18 19.24 -3.06
C ALA A 56 0.16 18.34 -4.24
N SER A 57 -0.54 17.22 -4.38
CA SER A 57 -0.37 16.35 -5.52
C SER A 57 -0.70 17.08 -6.83
N LYS A 58 -1.84 17.75 -6.89
CA LYS A 58 -2.22 18.47 -8.10
C LYS A 58 -1.16 19.50 -8.48
N GLN A 59 -0.65 20.23 -7.49
CA GLN A 59 0.37 21.23 -7.80
C GLN A 59 1.66 20.58 -8.30
N PHE A 60 2.10 19.50 -7.65
CA PHE A 60 3.30 18.83 -8.11
C PHE A 60 3.15 18.35 -9.55
N CYS A 61 2.00 17.77 -9.88
CA CYS A 61 1.88 17.19 -11.22
C CYS A 61 1.88 18.24 -12.32
N LYS A 62 1.56 19.49 -11.99
CA LYS A 62 1.67 20.57 -12.97
C LYS A 62 3.11 20.95 -13.30
N GLU A 63 4.08 20.48 -12.54
CA GLU A 63 5.46 20.82 -12.79
C GLU A 63 5.95 20.15 -14.07
N PRO A 64 7.00 20.69 -14.67
N PRO A 64 7.00 20.69 -14.67
CA PRO A 64 7.53 20.06 -15.89
CA PRO A 64 7.57 20.06 -15.87
C PRO A 64 8.06 18.66 -15.62
C PRO A 64 8.03 18.64 -15.61
N LEU A 65 7.89 17.80 -16.62
CA LEU A 65 8.31 16.41 -16.51
C LEU A 65 9.77 16.26 -16.09
N THR A 66 10.66 17.10 -16.62
N THR A 66 10.65 17.12 -16.59
CA THR A 66 12.07 17.02 -16.21
CA THR A 66 12.07 17.00 -16.21
C THR A 66 12.21 17.17 -14.71
C THR A 66 12.26 17.21 -14.72
N PHE A 67 11.51 18.14 -14.13
CA PHE A 67 11.59 18.33 -12.70
C PHE A 67 11.02 17.14 -11.95
N LYS A 68 9.85 16.69 -12.36
CA LYS A 68 9.23 15.55 -11.67
C LYS A 68 10.14 14.34 -11.71
N SER A 69 10.74 14.08 -12.88
CA SER A 69 11.61 12.94 -13.10
C SER A 69 12.91 13.06 -12.31
N SER A 70 13.27 14.25 -11.89
CA SER A 70 14.45 14.42 -11.06
C SER A 70 14.22 13.91 -9.64
N CYS A 71 12.97 13.76 -9.23
CA CYS A 71 12.65 13.34 -7.86
C CYS A 71 12.66 11.82 -7.79
N VAL A 72 13.86 11.27 -7.86
N VAL A 72 13.87 11.26 -7.84
CA VAL A 72 14.10 9.84 -7.86
CA VAL A 72 14.09 9.82 -7.92
C VAL A 72 15.33 9.57 -7.02
C VAL A 72 15.39 9.52 -7.21
N SER A 73 15.49 8.33 -6.62
CA SER A 73 16.62 7.89 -5.81
C SER A 73 17.07 6.53 -6.29
N ASP A 74 18.38 6.28 -6.29
CA ASP A 74 18.86 4.93 -6.54
C ASP A 74 18.97 4.10 -5.27
N LEU A 75 18.52 4.62 -4.11
CA LEU A 75 18.54 3.89 -2.84
C LEU A 75 17.17 3.41 -2.39
N THR A 76 16.17 4.27 -2.58
CA THR A 76 14.80 3.99 -2.19
C THR A 76 13.93 4.11 -3.43
N TYR A 77 12.81 3.39 -3.44
CA TYR A 77 11.79 3.52 -4.47
C TYR A 77 10.95 4.77 -4.31
N SER A 78 11.10 5.52 -3.24
CA SER A 78 10.36 6.76 -3.10
C SER A 78 10.64 7.69 -4.27
N GLY A 79 9.63 8.47 -4.63
CA GLY A 79 9.77 9.44 -5.69
C GLY A 79 8.85 9.19 -6.86
N TYR A 80 9.18 9.81 -7.98
CA TYR A 80 8.27 9.94 -9.10
C TYR A 80 8.29 8.73 -10.00
N VAL A 81 7.10 8.37 -10.48
CA VAL A 81 6.88 7.36 -11.51
C VAL A 81 6.11 8.05 -12.62
N ALA A 82 6.66 8.03 -13.82
CA ALA A 82 5.99 8.66 -14.93
C ALA A 82 4.82 7.81 -15.40
N SER A 83 3.87 8.46 -16.06
CA SER A 83 2.82 7.73 -16.75
C SER A 83 3.45 6.78 -17.76
N GLY A 84 3.08 5.51 -17.69
CA GLY A 84 3.63 4.50 -18.55
C GLY A 84 4.86 3.81 -18.04
N GLU A 85 5.38 4.20 -16.87
CA GLU A 85 6.63 3.64 -16.35
C GLU A 85 6.39 2.35 -15.58
N GLU A 86 5.37 2.30 -14.73
CA GLU A 86 5.13 1.09 -13.94
C GLU A 86 4.58 -0.01 -14.84
N VAL A 87 4.99 -1.25 -14.56
N VAL A 87 4.98 -1.26 -14.57
CA VAL A 87 4.51 -2.42 -15.25
CA VAL A 87 4.47 -2.40 -15.31
C VAL A 87 3.65 -3.23 -14.28
C VAL A 87 3.70 -3.31 -14.35
N THR A 88 2.46 -3.64 -14.73
CA THR A 88 1.62 -4.62 -14.03
C THR A 88 1.28 -5.70 -15.03
N ALA A 89 1.61 -6.96 -14.72
CA ALA A 89 1.27 -8.06 -15.63
C ALA A 89 1.74 -7.81 -17.05
N GLY A 90 2.96 -7.29 -17.18
CA GLY A 90 3.57 -7.13 -18.48
C GLY A 90 3.09 -5.94 -19.28
N LYS A 91 2.25 -5.09 -18.71
CA LYS A 91 1.68 -3.99 -19.45
C LYS A 91 1.88 -2.70 -18.66
N PRO A 92 2.19 -1.59 -19.33
N PRO A 92 2.11 -1.58 -19.35
CA PRO A 92 2.34 -0.33 -18.61
CA PRO A 92 2.36 -0.32 -18.64
C PRO A 92 1.05 0.12 -17.95
C PRO A 92 1.10 0.29 -18.06
N ASP A 93 1.20 0.77 -16.81
CA ASP A 93 0.13 1.48 -16.12
C ASP A 93 0.25 2.96 -16.41
N PHE A 94 -0.84 3.68 -16.33
N PHE A 94 -0.92 3.62 -16.58
CA PHE A 94 -0.78 5.05 -16.84
CA PHE A 94 -1.15 5.05 -16.82
C PHE A 94 -0.93 6.18 -15.83
C PHE A 94 -0.77 6.14 -15.81
N PRO A 95 -0.98 5.95 -14.51
CA PRO A 95 -0.91 7.11 -13.63
C PRO A 95 0.50 7.63 -13.54
N GLU A 96 0.59 8.93 -13.24
N GLU A 96 0.62 8.91 -13.22
CA GLU A 96 1.78 9.48 -12.59
CA GLU A 96 1.88 9.36 -12.64
C GLU A 96 1.68 9.20 -11.11
C GLU A 96 1.74 9.30 -11.13
N ILE A 97 2.83 8.95 -10.47
CA ILE A 97 2.82 8.58 -9.07
C ILE A 97 3.96 9.27 -8.36
N PHE A 98 3.75 9.62 -7.10
CA PHE A 98 4.83 9.93 -6.19
C PHE A 98 4.74 8.95 -5.03
N THR A 99 5.74 8.09 -4.86
CA THR A 99 5.74 7.09 -3.80
C THR A 99 6.48 7.64 -2.58
N VAL A 100 5.90 7.50 -1.41
CA VAL A 100 6.51 7.92 -0.17
C VAL A 100 6.76 6.69 0.69
N CYS A 101 8.01 6.27 0.80
CA CYS A 101 8.41 5.22 1.71
C CYS A 101 9.06 5.87 2.94
N LYS A 102 9.46 5.04 3.91
CA LYS A 102 10.12 5.50 5.12
C LYS A 102 11.28 6.41 4.74
N ASP A 103 11.32 7.58 5.35
CA ASP A 103 12.24 8.64 4.91
C ASP A 103 13.51 8.55 5.74
N LEU A 104 14.53 7.90 5.20
CA LEU A 104 15.75 7.62 5.94
C LEU A 104 16.92 8.30 5.26
N SER A 105 17.65 9.13 6.00
CA SER A 105 18.80 9.81 5.44
C SER A 105 19.99 8.85 5.34
N VAL A 106 21.04 9.31 4.68
CA VAL A 106 22.27 8.55 4.61
C VAL A 106 23.00 8.48 5.94
N GLY A 107 22.50 9.17 6.96
CA GLY A 107 22.97 8.97 8.34
C GLY A 107 22.37 7.75 9.04
N ASP A 108 21.32 7.17 8.50
CA ASP A 108 20.70 6.01 9.11
C ASP A 108 21.55 4.76 8.88
N GLN A 109 21.68 3.95 9.93
N GLN A 109 21.73 3.97 9.93
CA GLN A 109 22.58 2.80 9.87
CA GLN A 109 22.60 2.80 9.81
C GLN A 109 22.12 1.74 8.85
C GLN A 109 22.14 1.84 8.73
N ARG A 110 20.83 1.69 8.53
CA ARG A 110 20.36 0.74 7.52
C ARG A 110 20.76 1.21 6.13
N VAL A 111 20.72 2.52 5.90
CA VAL A 111 21.16 3.06 4.63
C VAL A 111 22.68 2.89 4.48
N LYS A 112 23.42 3.14 5.55
CA LYS A 112 24.87 2.95 5.48
C LYS A 112 25.23 1.52 5.16
N ALA A 113 24.45 0.57 5.67
CA ALA A 113 24.67 -0.85 5.46
C ALA A 113 24.18 -1.31 4.09
N GLY A 114 23.59 -0.43 3.28
CA GLY A 114 23.14 -0.80 1.96
C GLY A 114 21.91 -1.67 1.92
N TRP A 115 21.03 -1.56 2.91
CA TRP A 115 19.83 -2.38 2.87
C TRP A 115 18.98 -2.00 1.67
N PRO A 116 18.46 -2.96 0.91
CA PRO A 116 17.65 -2.59 -0.25
C PRO A 116 16.46 -1.76 0.17
N CYS A 117 16.14 -0.77 -0.64
CA CYS A 117 14.97 0.05 -0.57
C CYS A 117 15.03 1.12 0.50
N HIS A 118 16.11 1.22 1.26
CA HIS A 118 16.24 2.17 2.34
C HIS A 118 16.98 3.42 1.86
N GLY A 119 16.36 4.58 2.03
CA GLY A 119 16.98 5.83 1.66
C GLY A 119 16.00 6.97 1.76
N PRO A 120 16.42 8.17 1.35
CA PRO A 120 15.64 9.37 1.64
C PRO A 120 14.65 9.67 0.54
N VAL A 121 13.47 10.14 0.94
CA VAL A 121 12.43 10.50 -0.05
C VAL A 121 12.91 11.71 -0.83
N PRO A 122 12.85 11.69 -2.16
CA PRO A 122 13.27 12.86 -2.96
C PRO A 122 12.13 13.86 -3.08
N TRP A 123 11.81 14.49 -1.96
CA TRP A 123 10.66 15.36 -1.90
C TRP A 123 10.77 16.46 -2.94
N PRO A 124 9.65 16.87 -3.56
CA PRO A 124 9.74 17.98 -4.50
C PRO A 124 9.99 19.30 -3.83
N ASN A 125 9.44 19.48 -2.64
CA ASN A 125 9.65 20.67 -1.82
C ASN A 125 9.17 20.37 -0.42
N ASN A 126 9.48 21.27 0.49
N ASN A 126 9.38 21.33 0.48
CA ASN A 126 9.27 20.99 1.89
CA ASN A 126 9.11 21.13 1.90
C ASN A 126 7.81 21.18 2.31
C ASN A 126 7.62 21.16 2.20
N THR A 127 6.98 21.87 1.52
N THR A 127 6.87 22.01 1.49
CA THR A 127 5.55 21.94 1.80
CA THR A 127 5.43 22.01 1.70
C THR A 127 4.85 20.64 1.39
C THR A 127 4.83 20.65 1.39
N TYR A 128 5.26 20.05 0.28
CA TYR A 128 4.77 18.73 -0.09
C TYR A 128 5.18 17.71 0.95
N GLN A 129 6.42 17.75 1.40
CA GLN A 129 6.88 16.87 2.47
C GLN A 129 5.99 16.97 3.69
N LYS A 130 5.72 18.19 4.15
CA LYS A 130 4.94 18.34 5.37
C LYS A 130 3.53 17.81 5.19
N SER A 131 2.92 18.08 4.04
CA SER A 131 1.55 17.63 3.80
C SER A 131 1.47 16.12 3.76
N MET A 132 2.43 15.48 3.13
CA MET A 132 2.38 14.03 3.05
C MET A 132 2.71 13.37 4.38
N LYS A 133 3.69 13.89 5.12
N LYS A 133 3.71 13.88 5.10
CA LYS A 133 4.03 13.29 6.41
CA LYS A 133 4.05 13.32 6.42
C LYS A 133 2.89 13.45 7.41
C LYS A 133 2.86 13.43 7.37
N THR A 134 2.24 14.61 7.42
CA THR A 134 1.09 14.79 8.30
C THR A 134 -0.03 13.83 7.95
N PHE A 135 -0.31 13.67 6.67
CA PHE A 135 -1.37 12.77 6.22
C PHE A 135 -1.02 11.34 6.60
N MET A 136 0.22 10.92 6.37
CA MET A 136 0.60 9.56 6.69
C MET A 136 0.60 9.27 8.19
N GLU A 137 0.90 10.27 9.02
N GLU A 137 0.86 10.28 9.03
CA GLU A 137 0.78 10.07 10.46
CA GLU A 137 0.79 10.04 10.45
C GLU A 137 -0.66 9.73 10.82
C GLU A 137 -0.66 9.78 10.89
N GLU A 138 -1.61 10.50 10.28
CA GLU A 138 -3.01 10.23 10.55
C GLU A 138 -3.44 8.87 10.00
N LEU A 139 -3.03 8.54 8.78
CA LEU A 139 -3.36 7.25 8.19
C LEU A 139 -2.81 6.12 9.06
N GLY A 140 -1.60 6.31 9.61
CA GLY A 140 -1.02 5.26 10.46
C GLY A 140 -1.81 5.05 11.74
N LEU A 141 -2.32 6.13 12.34
CA LEU A 141 -3.17 5.96 13.52
C LEU A 141 -4.39 5.12 13.18
N ALA A 142 -4.98 5.34 12.00
CA ALA A 142 -6.12 4.55 11.60
C ALA A 142 -5.73 3.11 11.34
N GLY A 143 -4.59 2.90 10.69
CA GLY A 143 -4.10 1.56 10.47
C GLY A 143 -3.92 0.76 11.75
N GLU A 144 -3.37 1.39 12.77
CA GLU A 144 -3.18 0.71 14.04
C GLU A 144 -4.53 0.35 14.69
N ARG A 145 -5.49 1.27 14.65
CA ARG A 145 -6.82 0.95 15.15
C ARG A 145 -7.40 -0.26 14.44
N LEU A 146 -7.31 -0.25 13.10
CA LEU A 146 -7.87 -1.33 12.29
C LEU A 146 -7.20 -2.67 12.62
N LEU A 147 -5.90 -2.65 12.84
CA LEU A 147 -5.21 -3.90 13.16
C LEU A 147 -5.58 -4.44 14.55
N LYS A 148 -5.79 -3.56 15.51
CA LYS A 148 -6.23 -4.03 16.82
C LYS A 148 -7.64 -4.60 16.73
N LEU A 149 -8.51 -3.92 15.98
CA LEU A 149 -9.88 -4.40 15.78
C LEU A 149 -9.91 -5.75 15.07
N THR A 150 -9.06 -5.90 14.06
CA THR A 150 -9.03 -7.16 13.31
C THR A 150 -8.57 -8.30 14.19
N ALA A 151 -7.53 -8.08 15.00
CA ALA A 151 -7.11 -9.12 15.95
C ALA A 151 -8.26 -9.52 16.86
N LEU A 152 -8.93 -8.53 17.43
CA LEU A 152 -10.04 -8.81 18.35
C LEU A 152 -11.14 -9.60 17.66
N GLY A 153 -11.43 -9.27 16.39
CA GLY A 153 -12.50 -9.94 15.70
C GLY A 153 -12.20 -11.40 15.46
N PHE A 154 -10.92 -11.76 15.35
CA PHE A 154 -10.48 -13.14 15.20
C PHE A 154 -10.15 -13.79 16.52
N GLU A 155 -10.49 -13.16 17.66
CA GLU A 155 -10.23 -13.74 18.97
C GLU A 155 -8.75 -13.95 19.23
N LEU A 156 -7.93 -13.10 18.70
CA LEU A 156 -6.50 -13.09 18.92
C LEU A 156 -6.13 -12.01 19.93
N PRO A 157 -4.96 -12.13 20.57
CA PRO A 157 -4.47 -11.05 21.40
C PRO A 157 -4.49 -9.75 20.62
N ILE A 158 -4.87 -8.66 21.28
CA ILE A 158 -5.09 -7.37 20.63
C ILE A 158 -3.86 -6.88 19.86
N ASN A 159 -2.66 -7.23 20.34
CA ASN A 159 -1.42 -6.73 19.75
C ASN A 159 -0.86 -7.67 18.69
N THR A 160 -1.63 -8.64 18.23
CA THR A 160 -1.08 -9.67 17.34
C THR A 160 -0.48 -9.05 16.08
N PHE A 161 -1.21 -8.16 15.43
CA PHE A 161 -0.71 -7.56 14.20
C PHE A 161 0.14 -6.32 14.49
N THR A 162 -0.21 -5.50 15.49
CA THR A 162 0.60 -4.33 15.77
C THR A 162 1.99 -4.70 16.27
N ASP A 163 2.19 -5.89 16.82
CA ASP A 163 3.53 -6.35 17.18
C ASP A 163 4.42 -6.51 15.97
N LEU A 164 3.85 -6.60 14.77
CA LEU A 164 4.63 -6.68 13.55
C LEU A 164 4.85 -5.32 12.90
N THR A 165 4.14 -4.28 13.29
CA THR A 165 4.19 -2.99 12.62
C THR A 165 4.94 -1.93 13.39
N ARG A 166 5.69 -2.29 14.42
CA ARG A 166 6.55 -1.31 15.05
C ARG A 166 7.62 -0.90 14.05
N ASP A 167 7.81 0.39 13.89
CA ASP A 167 8.65 0.93 12.82
C ASP A 167 8.27 0.31 11.47
N GLY A 168 6.97 0.13 11.27
CA GLY A 168 6.48 -0.55 10.08
C GLY A 168 6.87 0.16 8.78
N TRP A 169 6.95 -0.62 7.69
CA TRP A 169 7.37 -0.12 6.38
C TRP A 169 6.22 0.58 5.67
N HIS A 170 5.50 1.44 6.38
CA HIS A 170 4.33 2.11 5.80
C HIS A 170 4.75 2.96 4.62
N HIS A 171 3.92 3.02 3.61
CA HIS A 171 4.24 3.81 2.42
C HIS A 171 2.97 4.25 1.76
N MET A 172 3.09 5.15 0.79
CA MET A 172 1.93 5.74 0.14
C MET A 172 2.22 6.00 -1.33
N ARG A 173 1.24 5.77 -2.17
CA ARG A 173 1.27 6.11 -3.57
C ARG A 173 0.32 7.27 -3.79
N VAL A 174 0.84 8.39 -4.23
CA VAL A 174 0.08 9.60 -4.48
C VAL A 174 -0.10 9.68 -6.00
N LEU A 175 -1.32 9.50 -6.48
CA LEU A 175 -1.58 9.16 -7.88
C LEU A 175 -2.33 10.25 -8.60
N ARG A 176 -1.99 10.46 -9.86
CA ARG A 176 -2.82 11.21 -10.80
C ARG A 176 -3.01 10.36 -12.04
N PHE A 177 -4.24 10.02 -12.35
CA PHE A 177 -4.57 9.32 -13.58
C PHE A 177 -4.92 10.35 -14.63
N PRO A 178 -4.36 10.26 -15.82
CA PRO A 178 -4.76 11.17 -16.89
C PRO A 178 -6.17 10.83 -17.37
N PRO A 179 -6.83 11.74 -18.07
CA PRO A 179 -8.05 11.34 -18.76
C PRO A 179 -7.68 10.33 -19.84
N GLN A 180 -8.65 9.53 -20.22
CA GLN A 180 -8.46 8.64 -21.37
C GLN A 180 -8.31 9.46 -22.64
N THR A 181 -7.21 9.24 -23.38
CA THR A 181 -6.94 9.95 -24.61
C THR A 181 -6.77 9.03 -25.82
N SER A 182 -6.63 7.72 -25.60
CA SER A 182 -6.49 6.73 -26.66
C SER A 182 -7.60 5.71 -26.46
N THR A 183 -7.58 4.65 -27.27
CA THR A 183 -8.52 3.55 -27.12
C THR A 183 -8.30 2.76 -25.85
N LEU A 184 -7.17 2.92 -25.17
CA LEU A 184 -6.87 2.15 -23.98
C LEU A 184 -7.51 2.80 -22.76
N SER A 185 -8.37 2.05 -22.07
CA SER A 185 -8.98 2.53 -20.84
C SER A 185 -8.26 2.06 -19.58
N ARG A 186 -7.27 1.18 -19.69
CA ARG A 186 -6.58 0.62 -18.53
C ARG A 186 -5.79 1.70 -17.79
N GLY A 187 -6.12 1.94 -16.55
CA GLY A 187 -5.31 2.83 -15.73
C GLY A 187 -4.23 2.08 -14.99
N ILE A 188 -4.65 1.17 -14.12
CA ILE A 188 -3.79 0.18 -13.50
C ILE A 188 -4.44 -1.18 -13.70
N GLY A 189 -3.64 -2.16 -14.08
CA GLY A 189 -4.17 -3.52 -14.22
C GLY A 189 -4.57 -4.13 -12.89
N ALA A 190 -5.37 -5.19 -12.98
CA ALA A 190 -5.78 -5.93 -11.79
C ALA A 190 -4.55 -6.40 -11.00
N HIS A 191 -4.60 -6.28 -9.69
CA HIS A 191 -3.49 -6.69 -8.84
C HIS A 191 -3.98 -6.70 -7.40
N THR A 192 -3.12 -7.22 -6.52
CA THR A 192 -3.27 -7.08 -5.08
C THR A 192 -2.05 -6.37 -4.54
N ASP A 193 -2.23 -5.63 -3.44
CA ASP A 193 -1.12 -5.00 -2.75
C ASP A 193 -0.60 -5.90 -1.62
N TYR A 194 0.50 -5.47 -0.99
CA TYR A 194 1.49 -6.42 -0.49
C TYR A 194 1.56 -6.59 1.01
N GLY A 195 0.95 -5.67 1.76
CA GLY A 195 1.16 -5.61 3.19
C GLY A 195 -0.07 -6.02 3.96
N LEU A 196 -0.32 -5.37 5.10
CA LEU A 196 -1.47 -5.75 5.92
C LEU A 196 -2.74 -5.10 5.42
N LEU A 197 -2.74 -3.78 5.31
CA LEU A 197 -3.94 -3.03 4.93
C LEU A 197 -3.63 -2.01 3.87
N VAL A 198 -4.64 -1.70 3.07
CA VAL A 198 -4.61 -0.58 2.14
C VAL A 198 -5.71 0.38 2.57
N ILE A 199 -5.37 1.63 2.84
CA ILE A 199 -6.33 2.69 3.19
C ILE A 199 -6.24 3.68 2.05
N ALA A 200 -7.36 4.01 1.42
CA ALA A 200 -7.31 4.80 0.20
C ALA A 200 -8.31 5.94 0.23
N ALA A 201 -7.94 7.02 -0.45
CA ALA A 201 -8.77 8.18 -0.63
C ALA A 201 -8.84 8.50 -2.12
N GLN A 202 -9.93 9.10 -2.55
CA GLN A 202 -10.07 9.51 -3.96
C GLN A 202 -10.88 10.79 -4.05
N ASP A 203 -10.72 11.47 -5.17
CA ASP A 203 -11.53 12.65 -5.46
C ASP A 203 -12.88 12.22 -6.05
N ASP A 204 -13.59 13.13 -6.70
CA ASP A 204 -14.95 12.92 -7.16
C ASP A 204 -15.06 12.17 -8.49
N VAL A 205 -13.96 11.91 -9.18
CA VAL A 205 -14.05 11.48 -10.58
C VAL A 205 -14.54 10.05 -10.72
N GLY A 206 -13.92 9.13 -10.03
CA GLY A 206 -14.30 7.73 -10.12
C GLY A 206 -13.45 6.90 -11.07
N GLY A 207 -13.13 5.68 -10.66
CA GLY A 207 -12.42 4.76 -11.51
C GLY A 207 -11.85 3.52 -10.83
N LEU A 208 -11.96 3.40 -9.51
CA LEU A 208 -11.47 2.24 -8.79
C LEU A 208 -12.53 1.14 -8.78
N TYR A 209 -12.10 -0.07 -9.12
CA TYR A 209 -12.93 -1.27 -9.07
C TYR A 209 -12.23 -2.31 -8.21
N ILE A 210 -13.02 -3.03 -7.39
CA ILE A 210 -12.48 -4.07 -6.51
C ILE A 210 -13.25 -5.36 -6.71
N ARG A 211 -12.58 -6.47 -6.47
CA ARG A 211 -13.20 -7.80 -6.64
C ARG A 211 -13.53 -8.34 -5.26
N PRO A 212 -14.80 -8.58 -4.94
CA PRO A 212 -15.16 -9.19 -3.65
C PRO A 212 -14.76 -10.64 -3.61
N PRO A 213 -14.75 -11.25 -2.45
CA PRO A 213 -14.55 -12.71 -2.40
C PRO A 213 -15.64 -13.40 -3.20
N VAL A 214 -15.26 -14.48 -3.88
CA VAL A 214 -16.13 -15.27 -4.74
C VAL A 214 -16.05 -16.72 -4.27
N GLU A 215 -17.17 -17.29 -3.87
CA GLU A 215 -17.16 -18.65 -3.32
C GLU A 215 -16.55 -19.64 -4.30
N GLY A 216 -15.57 -20.42 -3.83
CA GLY A 216 -14.94 -21.44 -4.64
C GLY A 216 -13.83 -20.94 -5.54
N GLU A 217 -13.61 -19.62 -5.64
CA GLU A 217 -12.63 -19.09 -6.58
C GLU A 217 -11.25 -19.17 -5.95
N LYS A 218 -10.33 -19.80 -6.67
CA LYS A 218 -8.95 -19.90 -6.20
C LYS A 218 -8.26 -18.55 -6.31
N ARG A 219 -7.56 -18.15 -5.26
CA ARG A 219 -6.83 -16.89 -5.22
C ARG A 219 -5.34 -17.16 -5.11
N ASN A 220 -4.60 -16.61 -6.06
CA ASN A 220 -3.16 -16.74 -6.05
C ASN A 220 -2.58 -16.11 -4.81
N ARG A 221 -1.51 -16.71 -4.35
CA ARG A 221 -0.77 -16.21 -3.22
C ARG A 221 0.38 -15.38 -3.78
N ASN A 222 0.17 -14.07 -3.86
CA ASN A 222 1.06 -13.18 -4.59
C ASN A 222 2.44 -13.08 -3.96
N TRP A 223 2.62 -13.61 -2.75
CA TRP A 223 3.94 -13.70 -2.15
C TRP A 223 4.79 -14.82 -2.74
N LEU A 224 4.21 -15.69 -3.50
CA LEU A 224 4.98 -16.76 -4.12
C LEU A 224 5.31 -16.39 -5.55
N PRO A 225 6.56 -16.58 -6.00
CA PRO A 225 6.92 -16.17 -7.37
C PRO A 225 6.13 -16.89 -8.43
N GLY A 226 5.67 -18.11 -8.15
CA GLY A 226 4.84 -18.82 -9.07
C GLY A 226 3.36 -18.55 -8.99
N GLU A 227 2.91 -17.58 -8.19
CA GLU A 227 1.48 -17.28 -8.08
C GLU A 227 1.24 -15.78 -8.01
N SER A 228 1.81 -15.02 -8.94
CA SER A 228 1.52 -13.60 -8.99
C SER A 228 0.02 -13.37 -9.18
N SER A 229 -0.53 -12.39 -8.45
CA SER A 229 -1.90 -11.97 -8.64
C SER A 229 -2.06 -10.89 -9.70
N ALA A 230 -0.96 -10.38 -10.26
CA ALA A 230 -1.08 -9.32 -11.26
C ALA A 230 -1.76 -9.85 -12.51
N GLY A 231 -2.76 -9.11 -12.96
CA GLY A 231 -3.54 -9.45 -14.13
C GLY A 231 -4.65 -10.43 -13.88
N MET A 232 -4.69 -11.09 -12.73
CA MET A 232 -5.66 -12.15 -12.53
C MET A 232 -7.08 -11.57 -12.41
N PHE A 233 -8.00 -12.15 -13.16
CA PHE A 233 -9.41 -11.83 -13.18
C PHE A 233 -9.74 -10.51 -13.88
N GLU A 234 -8.76 -9.92 -14.56
CA GLU A 234 -8.90 -8.58 -15.13
C GLU A 234 -10.21 -8.39 -15.88
N HIS A 235 -10.56 -9.35 -16.73
CA HIS A 235 -11.72 -9.21 -17.60
C HIS A 235 -12.88 -10.10 -17.18
N ASP A 236 -12.87 -10.64 -15.97
CA ASP A 236 -13.95 -11.50 -15.46
C ASP A 236 -14.72 -10.76 -14.39
N GLU A 237 -16.06 -10.80 -14.44
CA GLU A 237 -16.84 -10.33 -13.32
C GLU A 237 -16.66 -11.29 -12.15
N PRO A 238 -16.97 -10.85 -10.92
CA PRO A 238 -17.51 -9.54 -10.56
C PRO A 238 -16.45 -8.47 -10.25
N TRP A 239 -16.70 -7.23 -10.69
CA TRP A 239 -15.95 -6.08 -10.24
C TRP A 239 -16.91 -5.03 -9.71
N THR A 240 -16.67 -4.59 -8.50
CA THR A 240 -17.48 -3.59 -7.80
C THR A 240 -16.86 -2.21 -7.99
N PHE A 241 -17.62 -1.27 -8.56
CA PHE A 241 -17.17 0.12 -8.64
C PHE A 241 -17.20 0.75 -7.24
N VAL A 242 -16.12 1.43 -6.86
CA VAL A 242 -16.02 2.09 -5.56
C VAL A 242 -16.50 3.53 -5.76
N THR A 243 -17.76 3.78 -5.49
CA THR A 243 -18.36 5.08 -5.80
C THR A 243 -17.67 6.17 -4.98
N PRO A 244 -17.20 7.25 -5.61
CA PRO A 244 -16.67 8.38 -4.83
C PRO A 244 -17.71 8.92 -3.88
N THR A 245 -17.29 9.10 -2.63
CA THR A 245 -18.16 9.43 -1.52
C THR A 245 -17.41 10.41 -0.64
N PRO A 246 -17.91 11.62 -0.39
CA PRO A 246 -17.15 12.53 0.46
C PRO A 246 -17.05 12.00 1.89
N GLY A 247 -15.93 12.29 2.54
CA GLY A 247 -15.85 12.05 3.97
C GLY A 247 -15.57 10.62 4.39
N VAL A 248 -14.96 9.82 3.51
CA VAL A 248 -14.56 8.45 3.84
C VAL A 248 -13.19 8.16 3.26
N TRP A 249 -12.56 7.16 3.85
CA TRP A 249 -11.45 6.42 3.27
C TRP A 249 -11.95 4.98 3.07
N THR A 250 -11.41 4.26 2.11
CA THR A 250 -11.71 2.84 1.99
C THR A 250 -10.58 2.02 2.59
N VAL A 251 -10.90 0.79 2.96
CA VAL A 251 -9.94 -0.11 3.57
C VAL A 251 -10.13 -1.51 3.00
N PHE A 252 -9.04 -2.14 2.58
CA PHE A 252 -9.08 -3.55 2.18
C PHE A 252 -7.79 -4.27 2.56
N PRO A 253 -7.82 -5.58 2.68
CA PRO A 253 -6.62 -6.33 3.05
C PRO A 253 -5.60 -6.44 1.94
N GLY A 254 -4.34 -6.52 2.38
CA GLY A 254 -3.24 -6.86 1.50
C GLY A 254 -2.74 -8.30 1.69
N ASP A 255 -1.67 -8.61 0.96
CA ASP A 255 -1.19 -9.99 0.86
C ASP A 255 -0.89 -10.58 2.23
N ILE A 256 -0.30 -9.80 3.14
CA ILE A 256 0.10 -10.37 4.42
C ILE A 256 -1.11 -10.82 5.22
N LEU A 257 -2.21 -10.08 5.16
CA LEU A 257 -3.39 -10.53 5.88
C LEU A 257 -3.96 -11.79 5.27
N GLN A 258 -3.91 -11.93 3.94
CA GLN A 258 -4.35 -13.18 3.33
C GLN A 258 -3.52 -14.35 3.83
N PHE A 259 -2.19 -14.18 3.83
CA PHE A 259 -1.32 -15.26 4.28
C PHE A 259 -1.54 -15.59 5.76
N MET A 260 -1.56 -14.56 6.61
CA MET A 260 -1.60 -14.85 8.04
C MET A 260 -2.92 -15.48 8.44
N THR A 261 -4.02 -15.09 7.79
CA THR A 261 -5.33 -15.64 8.08
C THR A 261 -5.63 -16.91 7.31
N GLY A 262 -4.68 -17.43 6.53
CA GLY A 262 -4.93 -18.63 5.75
C GLY A 262 -6.06 -18.48 4.76
N GLY A 263 -6.27 -17.29 4.26
CA GLY A 263 -7.33 -17.04 3.32
C GLY A 263 -8.70 -16.78 3.92
N GLN A 264 -8.81 -16.69 5.24
CA GLN A 264 -10.08 -16.23 5.82
C GLN A 264 -10.37 -14.81 5.39
N LEU A 265 -9.32 -14.01 5.25
CA LEU A 265 -9.35 -12.75 4.55
C LEU A 265 -8.55 -12.94 3.27
N LEU A 266 -8.96 -12.22 2.23
CA LEU A 266 -8.29 -12.26 0.95
C LEU A 266 -7.73 -10.90 0.62
N SER A 267 -6.54 -10.87 0.02
CA SER A 267 -5.98 -9.63 -0.44
C SER A 267 -6.84 -9.15 -1.61
N THR A 268 -7.49 -8.02 -1.49
CA THR A 268 -8.57 -7.69 -2.44
C THR A 268 -7.99 -7.29 -3.79
N PRO A 269 -8.34 -7.99 -4.86
CA PRO A 269 -7.90 -7.57 -6.19
C PRO A 269 -8.60 -6.27 -6.56
N HIS A 270 -7.88 -5.40 -7.24
CA HIS A 270 -8.44 -4.12 -7.63
C HIS A 270 -7.71 -3.62 -8.86
N LYS A 271 -8.34 -2.66 -9.53
CA LYS A 271 -7.85 -2.11 -10.79
C LYS A 271 -8.44 -0.72 -10.93
N VAL A 272 -7.87 0.08 -11.83
CA VAL A 272 -8.37 1.43 -12.09
C VAL A 272 -8.57 1.61 -13.57
N LYS A 273 -9.73 2.15 -13.92
CA LYS A 273 -10.05 2.53 -15.29
C LYS A 273 -9.94 4.05 -15.44
N LEU A 274 -9.34 4.49 -16.55
CA LEU A 274 -9.27 5.91 -16.85
C LEU A 274 -10.67 6.45 -17.10
N ASN A 275 -10.89 7.70 -16.70
CA ASN A 275 -12.16 8.37 -16.90
C ASN A 275 -11.99 9.51 -17.90
N THR A 276 -13.06 10.27 -18.10
CA THR A 276 -13.01 11.37 -19.05
C THR A 276 -12.30 12.60 -18.51
N ARG A 277 -12.03 12.62 -17.22
N ARG A 277 -12.03 12.62 -17.22
CA ARG A 277 -11.28 13.68 -16.56
CA ARG A 277 -11.28 13.67 -16.56
C ARG A 277 -10.11 13.04 -15.83
C ARG A 277 -10.11 13.03 -15.82
N GLU A 278 -9.07 13.84 -15.58
CA GLU A 278 -7.98 13.39 -14.70
C GLU A 278 -8.54 13.10 -13.31
N ARG A 279 -7.89 12.17 -12.61
CA ARG A 279 -8.40 11.67 -11.34
C ARG A 279 -7.25 11.59 -10.35
N PHE A 280 -7.45 12.15 -9.17
CA PHE A 280 -6.48 12.09 -8.08
C PHE A 280 -6.93 11.09 -7.03
N ALA A 281 -5.97 10.31 -6.54
CA ALA A 281 -6.21 9.36 -5.45
C ALA A 281 -4.91 9.21 -4.67
N CYS A 282 -5.04 8.71 -3.46
CA CYS A 282 -3.89 8.34 -2.63
C CYS A 282 -4.16 6.96 -2.05
N ALA A 283 -3.21 6.05 -2.13
CA ALA A 283 -3.31 4.72 -1.55
C ALA A 283 -2.20 4.59 -0.52
N TYR A 284 -2.57 4.29 0.70
CA TYR A 284 -1.67 4.13 1.83
C TYR A 284 -1.60 2.66 2.24
N PHE A 285 -0.39 2.19 2.52
CA PHE A 285 -0.08 0.82 2.79
C PHE A 285 0.45 0.71 4.21
N HIS A 286 -0.32 0.06 5.08
CA HIS A 286 0.05 -0.12 6.48
C HIS A 286 0.69 -1.49 6.56
N GLU A 287 2.01 -1.51 6.75
CA GLU A 287 2.86 -2.65 6.50
C GLU A 287 3.58 -3.14 7.75
N PRO A 288 3.97 -4.41 7.78
CA PRO A 288 4.94 -4.87 8.79
C PRO A 288 6.25 -4.10 8.69
N ASN A 289 7.01 -4.19 9.77
CA ASN A 289 8.43 -3.85 9.73
C ASN A 289 9.10 -4.59 8.59
N PHE A 290 10.08 -3.95 7.96
CA PHE A 290 10.83 -4.56 6.86
C PHE A 290 11.42 -5.89 7.27
N GLU A 291 11.81 -6.04 8.53
CA GLU A 291 12.47 -7.26 9.01
C GLU A 291 11.50 -8.28 9.59
N ALA A 292 10.21 -7.99 9.64
CA ALA A 292 9.26 -8.90 10.27
C ALA A 292 8.95 -10.06 9.35
N SER A 293 8.71 -11.22 9.95
CA SER A 293 8.24 -12.38 9.21
C SER A 293 6.81 -12.67 9.62
N ALA A 294 5.92 -12.60 8.65
CA ALA A 294 4.55 -13.03 8.86
C ALA A 294 4.48 -14.55 8.93
N TYR A 295 3.48 -15.03 9.65
CA TYR A 295 3.32 -16.44 9.96
C TYR A 295 1.84 -16.78 9.94
N PRO A 296 1.50 -18.05 9.71
N PRO A 296 1.50 -18.06 9.70
CA PRO A 296 0.08 -18.45 9.74
CA PRO A 296 0.08 -18.45 9.74
C PRO A 296 -0.46 -18.47 11.17
C PRO A 296 -0.44 -18.44 11.18
N LEU A 297 -1.49 -17.67 11.41
CA LEU A 297 -2.07 -17.51 12.73
C LEU A 297 -2.80 -18.73 13.21
N PHE A 298 -3.42 -19.46 12.29
CA PHE A 298 -4.33 -20.54 12.64
C PHE A 298 -3.71 -21.90 12.40
N GLU A 299 -2.43 -21.95 12.04
CA GLU A 299 -1.70 -23.21 11.80
C GLU A 299 -0.32 -23.09 12.43
N PRO A 300 -0.22 -23.23 13.75
CA PRO A 300 1.08 -23.05 14.42
C PRO A 300 2.16 -24.04 13.99
N SER A 301 1.77 -25.21 13.47
CA SER A 301 2.77 -26.17 12.97
C SER A 301 3.22 -25.86 11.56
N ALA A 302 2.64 -24.87 10.89
CA ALA A 302 3.01 -24.59 9.51
C ALA A 302 4.37 -23.90 9.48
N ASN A 303 5.20 -24.33 8.54
CA ASN A 303 6.55 -23.81 8.40
C ASN A 303 6.65 -22.58 7.49
N GLU A 304 5.64 -22.31 6.67
CA GLU A 304 5.70 -21.20 5.74
C GLU A 304 5.81 -19.86 6.49
N ARG A 305 6.59 -18.94 5.92
CA ARG A 305 6.71 -17.59 6.45
C ARG A 305 6.82 -16.64 5.27
N ILE A 306 6.49 -15.37 5.50
CA ILE A 306 6.80 -14.32 4.52
C ILE A 306 7.68 -13.31 5.22
N HIS A 307 8.91 -13.14 4.74
CA HIS A 307 9.76 -12.03 5.16
C HIS A 307 9.25 -10.79 4.46
N TYR A 308 8.72 -9.82 5.20
CA TYR A 308 7.97 -8.75 4.55
C TYR A 308 8.87 -7.91 3.63
N GLY A 309 10.04 -7.51 4.12
CA GLY A 309 10.92 -6.69 3.30
C GLY A 309 11.31 -7.39 2.02
N GLU A 310 11.53 -8.71 2.07
CA GLU A 310 11.80 -9.46 0.85
C GLU A 310 10.64 -9.37 -0.12
N HIS A 311 9.42 -9.52 0.37
CA HIS A 311 8.25 -9.39 -0.50
C HIS A 311 8.15 -7.98 -1.09
N PHE A 312 8.28 -6.94 -0.26
CA PHE A 312 8.28 -5.57 -0.78
C PHE A 312 9.32 -5.41 -1.87
N THR A 313 10.54 -5.87 -1.61
CA THR A 313 11.63 -5.65 -2.54
C THR A 313 11.34 -6.37 -3.85
N ASN A 314 10.93 -7.63 -3.77
CA ASN A 314 10.61 -8.37 -4.98
C ASN A 314 9.53 -7.68 -5.78
N MET A 315 8.50 -7.20 -5.10
CA MET A 315 7.41 -6.55 -5.81
C MET A 315 7.87 -5.26 -6.49
N PHE A 316 8.60 -4.41 -5.76
CA PHE A 316 9.00 -3.14 -6.38
C PHE A 316 9.98 -3.37 -7.52
N MET A 317 10.82 -4.40 -7.45
CA MET A 317 11.68 -4.72 -8.57
C MET A 317 10.86 -5.15 -9.79
N ARG A 318 9.76 -5.87 -9.59
CA ARG A 318 8.95 -6.28 -10.74
C ARG A 318 8.11 -5.11 -11.27
N CYS A 319 7.76 -4.16 -10.42
CA CYS A 319 7.02 -2.97 -10.86
C CYS A 319 7.89 -2.10 -11.73
N TYR A 320 9.17 -1.99 -11.41
CA TYR A 320 10.06 -0.98 -11.96
C TYR A 320 11.34 -1.64 -12.44
N PRO A 321 11.28 -2.48 -13.45
CA PRO A 321 12.47 -3.26 -13.80
C PRO A 321 13.65 -2.42 -14.27
N ASP A 322 13.42 -1.24 -14.81
CA ASP A 322 14.50 -0.43 -15.38
C ASP A 322 14.81 0.81 -14.54
N ARG A 323 14.21 0.97 -13.39
CA ARG A 323 14.46 2.14 -12.57
C ARG A 323 15.85 2.07 -11.97
N ILE A 324 16.45 3.26 -11.76
CA ILE A 324 17.79 3.29 -11.19
C ILE A 324 17.86 2.54 -9.86
N THR A 325 16.77 2.53 -9.09
CA THR A 325 16.77 1.83 -7.81
C THR A 325 16.96 0.35 -8.02
N THR A 326 16.27 -0.20 -9.01
CA THR A 326 16.37 -1.62 -9.31
C THR A 326 17.75 -1.95 -9.86
N GLN A 327 18.26 -1.09 -10.75
CA GLN A 327 19.59 -1.30 -11.32
C GLN A 327 20.65 -1.38 -10.22
N ARG A 328 20.54 -0.51 -9.21
CA ARG A 328 21.54 -0.53 -8.15
C ARG A 328 21.37 -1.75 -7.25
N ILE A 329 20.14 -2.20 -7.02
CA ILE A 329 19.95 -3.47 -6.30
C ILE A 329 20.68 -4.60 -7.02
N ASN A 330 20.50 -4.69 -8.35
CA ASN A 330 21.14 -5.74 -9.12
C ASN A 330 22.65 -5.56 -9.15
N LYS A 331 23.12 -4.34 -9.37
CA LYS A 331 24.55 -4.09 -9.49
C LYS A 331 25.30 -4.44 -8.21
N GLU A 332 24.76 -4.06 -7.05
CA GLU A 332 25.42 -4.25 -5.77
C GLU A 332 24.98 -5.54 -5.08
N ASN A 333 24.15 -6.33 -5.75
CA ASN A 333 23.65 -7.58 -5.21
C ASN A 333 22.98 -7.36 -3.85
N ARG A 334 22.14 -6.33 -3.77
CA ARG A 334 21.51 -5.99 -2.50
C ARG A 334 20.51 -7.04 -2.04
N LEU A 335 20.05 -7.93 -2.94
CA LEU A 335 19.24 -9.04 -2.49
C LEU A 335 20.05 -10.00 -1.64
N ALA A 336 21.36 -10.14 -1.92
CA ALA A 336 22.21 -10.95 -1.06
C ALA A 336 22.37 -10.32 0.31
N HIS A 337 22.42 -8.98 0.37
N HIS A 337 22.51 -8.98 0.35
CA HIS A 337 22.50 -8.35 1.68
CA HIS A 337 22.47 -8.25 1.62
C HIS A 337 21.18 -8.47 2.44
C HIS A 337 21.22 -8.64 2.39
N LEU A 338 20.07 -8.59 1.73
CA LEU A 338 18.81 -8.89 2.38
C LEU A 338 18.85 -10.27 3.02
N GLU A 339 19.46 -11.24 2.35
CA GLU A 339 19.67 -12.53 3.00
C GLU A 339 20.58 -12.39 4.24
N ASP A 340 21.61 -11.56 4.16
CA ASP A 340 22.51 -11.40 5.29
C ASP A 340 21.82 -10.72 6.48
N LEU A 341 21.04 -9.66 6.21
CA LEU A 341 20.40 -8.93 7.30
C LEU A 341 19.39 -9.78 8.04
N LYS A 342 18.87 -10.84 7.41
CA LYS A 342 17.98 -11.73 8.12
C LYS A 342 18.66 -12.34 9.33
N LYS A 343 19.99 -12.37 9.34
CA LYS A 343 20.72 -13.03 10.41
C LYS A 343 21.76 -12.17 11.11
N TYR A 344 22.09 -10.96 10.61
CA TYR A 344 23.18 -10.18 11.20
C TYR A 344 22.82 -8.69 11.33
N SER A 345 21.54 -8.36 11.45
CA SER A 345 21.08 -6.98 11.65
C SER A 345 21.31 -6.52 13.10
N ASP A 346 21.51 -5.21 13.25
CA ASP A 346 21.72 -4.59 14.56
C ASP A 346 20.52 -3.77 15.04
N THR A 347 19.41 -3.77 14.31
CA THR A 347 18.33 -2.84 14.61
C THR A 347 17.54 -3.23 15.86
N ARG A 348 17.55 -4.50 16.25
CA ARG A 348 16.73 -5.01 17.35
C ARG A 348 15.25 -5.00 17.03
N ALA A 349 14.87 -4.79 15.77
CA ALA A 349 13.46 -4.89 15.39
C ALA A 349 12.95 -6.31 15.59
N THR A 350 13.83 -7.30 15.46
CA THR A 350 13.49 -8.70 15.69
C THR A 350 14.62 -9.34 16.49
N GLY A 351 14.32 -10.47 17.15
CA GLY A 351 15.34 -11.24 17.82
C GLY A 351 15.70 -10.70 19.20
N SER A 352 16.57 -11.45 19.89
CA SER A 352 17.07 -11.07 21.23
C SER A 352 18.07 -9.93 21.14
#